data_2JI3
#
_entry.id   2JI3
#
_cell.length_a   69.450
_cell.length_b   82.900
_cell.length_c   202.660
_cell.angle_alpha   90.00
_cell.angle_beta   90.00
_cell.angle_gamma   90.00
#
_symmetry.space_group_name_H-M   'I 2 2 2'
#
loop_
_entity.id
_entity.type
_entity.pdbx_description
1 polymer Desulfoferrodoxin
2 non-polymer 'FE (III) ION'
3 non-polymer 'CALCIUM ION'
4 non-polymer 'NITRATE ION'
5 non-polymer 'PEROXIDE ION'
6 water water
#
_entity_poly.entity_id   1
_entity_poly.type   'polypeptide(L)'
_entity_poly.pdbx_seq_one_letter_code
;MPERLQVYKCEVCGNIVEVLNGGIGELVCCNQDMKLMSENTVDAAKEKHVPVIEKIDGGYKVKVGAVAHPMEEKHYIQWI
ELLADDKCYTQFLKPGQAPEAVFLIEAAKVVARAYCNIHGHWKAEN
;
_entity_poly.pdbx_strand_id   A,B,C,D
#
# COMPACT_ATOMS: atom_id res chain seq x y z
N MET A 1 -2.99 -27.27 -18.68
CA MET A 1 -3.31 -25.97 -19.34
C MET A 1 -2.58 -24.82 -18.66
N PRO A 2 -1.62 -24.21 -19.37
CA PRO A 2 -0.79 -23.09 -18.92
C PRO A 2 -1.54 -21.80 -18.57
N GLU A 3 -1.07 -21.12 -17.54
CA GLU A 3 -1.66 -19.87 -17.12
C GLU A 3 -0.53 -18.86 -16.99
N ARG A 4 -0.83 -17.60 -17.27
CA ARG A 4 0.16 -16.55 -17.19
C ARG A 4 0.94 -16.62 -15.88
N LEU A 5 2.25 -16.42 -15.98
CA LEU A 5 3.19 -16.43 -14.86
C LEU A 5 3.75 -17.79 -14.45
N GLN A 6 3.12 -18.87 -14.90
CA GLN A 6 3.64 -20.20 -14.57
C GLN A 6 5.00 -20.41 -15.24
N VAL A 7 5.84 -21.21 -14.61
CA VAL A 7 7.16 -21.53 -15.14
C VAL A 7 7.24 -23.02 -15.43
N TYR A 8 7.64 -23.38 -16.65
CA TYR A 8 7.76 -24.79 -17.04
C TYR A 8 9.18 -25.15 -17.47
N LYS A 9 9.59 -26.37 -17.14
CA LYS A 9 10.92 -26.84 -17.47
C LYS A 9 10.92 -28.19 -18.16
N CYS A 10 11.81 -28.34 -19.14
CA CYS A 10 11.99 -29.61 -19.83
C CYS A 10 13.14 -30.24 -19.03
N GLU A 11 12.86 -31.37 -18.38
CA GLU A 11 13.88 -32.03 -17.59
C GLU A 11 14.94 -32.73 -18.44
N VAL A 12 14.69 -32.82 -19.75
CA VAL A 12 15.63 -33.45 -20.66
C VAL A 12 16.69 -32.46 -21.13
N CYS A 13 16.30 -31.45 -21.90
CA CYS A 13 17.27 -30.47 -22.41
C CYS A 13 17.47 -29.23 -21.55
N GLY A 14 16.62 -29.04 -20.54
CA GLY A 14 16.81 -27.89 -19.67
C GLY A 14 16.14 -26.59 -20.04
N ASN A 15 15.32 -26.61 -21.10
CA ASN A 15 14.60 -25.39 -21.48
C ASN A 15 13.69 -24.99 -20.32
N ILE A 16 13.62 -23.69 -20.04
CA ILE A 16 12.73 -23.19 -19.01
C ILE A 16 12.03 -21.99 -19.62
N VAL A 17 10.70 -21.98 -19.55
CA VAL A 17 9.93 -20.89 -20.12
C VAL A 17 8.91 -20.39 -19.11
N GLU A 18 8.46 -19.14 -19.27
CA GLU A 18 7.45 -18.60 -18.38
C GLU A 18 6.27 -18.26 -19.28
N VAL A 19 5.05 -18.49 -18.80
CA VAL A 19 3.87 -18.23 -19.61
C VAL A 19 3.46 -16.76 -19.64
N LEU A 20 3.29 -16.25 -20.85
CA LEU A 20 2.86 -14.87 -21.07
C LEU A 20 1.38 -14.87 -21.38
N ASN A 21 0.93 -15.86 -22.15
CA ASN A 21 -0.47 -15.99 -22.53
C ASN A 21 -0.85 -17.46 -22.36
N GLY A 22 -1.89 -17.73 -21.58
CA GLY A 22 -2.32 -19.09 -21.35
C GLY A 22 -3.12 -19.71 -22.49
N GLY A 23 -3.53 -20.96 -22.32
CA GLY A 23 -4.29 -21.65 -23.34
C GLY A 23 -4.58 -23.09 -22.97
N ILE A 24 -5.19 -23.84 -23.88
CA ILE A 24 -5.57 -25.23 -23.65
C ILE A 24 -4.48 -26.29 -23.85
N GLY A 25 -3.71 -26.18 -24.94
CA GLY A 25 -2.68 -27.15 -25.21
C GLY A 25 -1.59 -27.28 -24.15
N GLU A 26 -1.07 -28.48 -23.95
CA GLU A 26 -0.01 -28.68 -22.98
C GLU A 26 1.36 -28.45 -23.60
N LEU A 27 2.25 -27.83 -22.84
CA LEU A 27 3.60 -27.55 -23.30
C LEU A 27 4.43 -28.83 -23.28
N VAL A 28 5.10 -29.10 -24.40
CA VAL A 28 5.92 -30.29 -24.53
C VAL A 28 7.30 -29.96 -25.06
N CYS A 29 8.28 -30.79 -24.70
CA CYS A 29 9.64 -30.60 -25.16
C CYS A 29 10.37 -31.93 -25.01
N CYS A 30 11.23 -32.23 -25.97
CA CYS A 30 11.98 -33.47 -25.98
C CYS A 30 11.08 -34.69 -25.75
N ASN A 31 9.93 -34.68 -26.41
CA ASN A 31 8.96 -35.78 -26.34
C ASN A 31 8.28 -36.05 -25.00
N GLN A 32 8.34 -35.09 -24.08
CA GLN A 32 7.68 -35.28 -22.80
C GLN A 32 7.06 -33.96 -22.29
N ASP A 33 6.05 -34.08 -21.44
CA ASP A 33 5.38 -32.91 -20.89
C ASP A 33 6.38 -32.06 -20.11
N MET A 34 6.34 -30.75 -20.33
CA MET A 34 7.22 -29.88 -19.57
C MET A 34 6.67 -29.87 -18.16
N LYS A 35 7.57 -29.85 -17.18
CA LYS A 35 7.20 -29.86 -15.77
C LYS A 35 6.89 -28.47 -15.19
N LEU A 36 5.72 -28.34 -14.58
CA LEU A 36 5.32 -27.09 -13.95
C LEU A 36 6.18 -26.94 -12.70
N MET A 37 6.93 -25.86 -12.60
CA MET A 37 7.79 -25.66 -11.43
C MET A 37 7.05 -24.90 -10.36
N SER A 38 6.28 -25.65 -9.55
CA SER A 38 5.49 -25.07 -8.48
C SER A 38 6.38 -24.52 -7.37
N GLU A 39 6.03 -23.35 -6.86
CA GLU A 39 6.82 -22.69 -5.82
C GLU A 39 6.77 -23.32 -4.43
N ASN A 40 7.93 -23.36 -3.79
CA ASN A 40 8.09 -23.88 -2.44
C ASN A 40 7.62 -25.31 -2.24
N THR A 41 7.98 -26.19 -3.17
CA THR A 41 7.58 -27.60 -3.08
C THR A 41 8.79 -28.53 -3.00
N VAL A 42 9.96 -28.02 -3.36
CA VAL A 42 11.18 -28.82 -3.33
C VAL A 42 11.74 -28.93 -1.90
N ASP A 43 12.25 -30.12 -1.59
CA ASP A 43 12.82 -30.40 -0.26
C ASP A 43 14.23 -29.82 -0.14
N ALA A 44 14.32 -28.55 0.25
CA ALA A 44 15.61 -27.89 0.40
C ALA A 44 15.56 -26.87 1.54
N ALA A 45 16.74 -26.35 1.90
CA ALA A 45 16.87 -25.38 2.98
C ALA A 45 16.10 -24.10 2.69
N LYS A 46 14.97 -23.92 3.37
CA LYS A 46 14.14 -22.75 3.19
C LYS A 46 14.89 -21.44 3.44
N GLU A 47 15.82 -21.45 4.39
CA GLU A 47 16.58 -20.25 4.72
C GLU A 47 17.51 -19.82 3.60
N LYS A 48 17.77 -20.72 2.67
CA LYS A 48 18.65 -20.41 1.55
C LYS A 48 17.89 -20.16 0.24
N HIS A 49 16.60 -20.51 0.21
CA HIS A 49 15.81 -20.34 -1.02
C HIS A 49 14.61 -19.39 -0.99
N VAL A 50 13.90 -19.33 0.12
CA VAL A 50 12.75 -18.42 0.18
C VAL A 50 13.25 -16.98 0.13
N PRO A 51 12.73 -16.18 -0.83
CA PRO A 51 13.16 -14.79 -0.92
C PRO A 51 12.76 -13.97 0.29
N VAL A 52 13.63 -13.05 0.69
CA VAL A 52 13.33 -12.15 1.80
C VAL A 52 13.16 -10.79 1.14
N ILE A 53 12.01 -10.16 1.38
CA ILE A 53 11.69 -8.86 0.80
C ILE A 53 11.95 -7.71 1.78
N GLU A 54 12.67 -6.70 1.31
CA GLU A 54 13.02 -5.54 2.12
C GLU A 54 12.57 -4.25 1.43
N LYS A 55 11.69 -3.50 2.07
CA LYS A 55 11.21 -2.25 1.48
C LYS A 55 12.32 -1.20 1.54
N ILE A 56 12.53 -0.50 0.44
CA ILE A 56 13.55 0.55 0.38
C ILE A 56 12.91 1.80 -0.21
N ASP A 57 13.70 2.87 -0.30
CA ASP A 57 13.20 4.12 -0.84
C ASP A 57 12.85 3.98 -2.32
N GLY A 58 11.56 4.00 -2.63
CA GLY A 58 11.12 3.88 -4.01
C GLY A 58 11.07 2.49 -4.60
N GLY A 59 11.07 1.47 -3.74
CA GLY A 59 11.03 0.12 -4.25
C GLY A 59 11.24 -0.97 -3.22
N TYR A 60 11.85 -2.07 -3.66
CA TYR A 60 12.13 -3.20 -2.78
C TYR A 60 13.47 -3.84 -3.14
N LYS A 61 14.10 -4.43 -2.13
CA LYS A 61 15.35 -5.14 -2.32
C LYS A 61 14.99 -6.56 -1.95
N VAL A 62 15.34 -7.50 -2.81
CA VAL A 62 15.02 -8.91 -2.57
C VAL A 62 16.28 -9.74 -2.49
N LYS A 63 16.41 -10.55 -1.45
CA LYS A 63 17.58 -11.40 -1.40
C LYS A 63 17.18 -12.85 -1.11
N VAL A 64 18.01 -13.76 -1.62
CA VAL A 64 17.77 -15.18 -1.54
C VAL A 64 18.85 -15.99 -0.80
N GLY A 65 18.65 -16.42 0.45
CA GLY A 65 17.42 -16.21 1.19
C GLY A 65 17.87 -15.45 2.43
N ALA A 66 17.33 -15.74 3.62
CA ALA A 66 17.78 -15.05 4.85
C ALA A 66 19.26 -15.31 5.00
N VAL A 67 19.68 -16.49 4.53
CA VAL A 67 21.09 -16.85 4.52
C VAL A 67 21.45 -16.80 3.03
N ALA A 68 22.48 -16.05 2.69
CA ALA A 68 22.91 -15.93 1.29
C ALA A 68 23.05 -17.30 0.63
N HIS A 69 22.31 -17.50 -0.46
CA HIS A 69 22.36 -18.75 -1.20
C HIS A 69 23.65 -18.79 -2.03
N PRO A 70 24.20 -19.99 -2.26
CA PRO A 70 25.42 -20.10 -3.05
C PRO A 70 25.22 -19.57 -4.47
N MET A 71 26.29 -19.05 -5.06
CA MET A 71 26.24 -18.56 -6.43
C MET A 71 27.45 -19.15 -7.17
N GLU A 72 27.49 -20.49 -7.21
CA GLU A 72 28.57 -21.22 -7.87
C GLU A 72 28.15 -21.57 -9.30
N GLU A 73 29.09 -22.05 -10.11
CA GLU A 73 28.77 -22.42 -11.49
C GLU A 73 27.77 -23.56 -11.55
N LYS A 74 27.87 -24.52 -10.65
CA LYS A 74 26.97 -25.66 -10.67
C LYS A 74 25.78 -25.52 -9.73
N HIS A 75 25.74 -24.42 -8.99
CA HIS A 75 24.64 -24.20 -8.05
C HIS A 75 24.47 -22.71 -7.77
N TYR A 76 23.50 -22.08 -8.44
CA TYR A 76 23.28 -20.65 -8.21
C TYR A 76 21.84 -20.25 -8.48
N ILE A 77 21.49 -19.04 -8.06
CA ILE A 77 20.15 -18.49 -8.29
C ILE A 77 20.21 -17.87 -9.68
N GLN A 78 19.43 -18.43 -10.60
CA GLN A 78 19.42 -17.95 -11.98
C GLN A 78 18.73 -16.61 -12.21
N TRP A 79 17.72 -16.30 -11.39
CA TRP A 79 17.05 -15.02 -11.52
C TRP A 79 16.15 -14.78 -10.33
N ILE A 80 15.79 -13.51 -10.13
CA ILE A 80 14.90 -13.09 -9.08
C ILE A 80 13.80 -12.31 -9.79
N GLU A 81 12.55 -12.60 -9.45
CA GLU A 81 11.45 -11.91 -10.09
C GLU A 81 10.53 -11.25 -9.08
N LEU A 82 10.09 -10.04 -9.40
CA LEU A 82 9.18 -9.31 -8.52
C LEU A 82 7.85 -9.14 -9.25
N LEU A 83 6.76 -9.55 -8.60
CA LEU A 83 5.43 -9.46 -9.20
C LEU A 83 4.58 -8.47 -8.42
N ALA A 84 3.98 -7.51 -9.11
CA ALA A 84 3.12 -6.51 -8.48
C ALA A 84 2.12 -5.99 -9.49
N ASP A 85 0.83 -6.26 -9.26
CA ASP A 85 -0.23 -5.84 -10.17
C ASP A 85 -0.04 -6.56 -11.49
N ASP A 86 0.09 -5.80 -12.56
CA ASP A 86 0.30 -6.37 -13.89
C ASP A 86 1.76 -6.24 -14.27
N LYS A 87 2.61 -6.11 -13.27
CA LYS A 87 4.04 -5.99 -13.52
C LYS A 87 4.77 -7.26 -13.15
N CYS A 88 5.75 -7.61 -13.97
N CYS A 88 5.74 -7.63 -13.98
CA CYS A 88 6.56 -8.80 -13.78
CA CYS A 88 6.56 -8.82 -13.74
C CYS A 88 8.00 -8.41 -14.10
C CYS A 88 8.00 -8.44 -14.09
N TYR A 89 8.75 -8.02 -13.07
CA TYR A 89 10.15 -7.61 -13.25
C TYR A 89 11.13 -8.72 -12.92
N THR A 90 12.01 -9.01 -13.86
CA THR A 90 12.99 -10.07 -13.68
C THR A 90 14.42 -9.59 -13.76
N GLN A 91 15.23 -10.05 -12.82
CA GLN A 91 16.64 -9.71 -12.77
C GLN A 91 17.39 -11.04 -12.90
N PHE A 92 18.05 -11.26 -14.03
CA PHE A 92 18.80 -12.49 -14.21
C PHE A 92 20.16 -12.33 -13.52
N LEU A 93 20.64 -13.40 -12.92
CA LEU A 93 21.91 -13.35 -12.20
C LEU A 93 22.94 -14.28 -12.83
N LYS A 94 24.14 -14.29 -12.27
CA LYS A 94 25.20 -15.14 -12.79
C LYS A 94 26.08 -15.67 -11.67
N PRO A 95 26.72 -16.83 -11.87
CA PRO A 95 27.57 -17.35 -10.80
C PRO A 95 28.57 -16.25 -10.47
N GLY A 96 28.85 -16.04 -9.20
CA GLY A 96 29.81 -15.01 -8.82
C GLY A 96 29.18 -13.73 -8.34
N GLN A 97 27.91 -13.53 -8.67
CA GLN A 97 27.21 -12.32 -8.24
C GLN A 97 26.56 -12.58 -6.89
N ALA A 98 26.05 -11.51 -6.29
CA ALA A 98 25.36 -11.64 -5.01
C ALA A 98 23.95 -12.12 -5.34
N PRO A 99 23.38 -12.98 -4.48
CA PRO A 99 22.02 -13.49 -4.70
C PRO A 99 20.97 -12.47 -4.27
N GLU A 100 20.91 -11.34 -4.99
CA GLU A 100 19.98 -10.28 -4.68
C GLU A 100 19.66 -9.41 -5.89
N ALA A 101 18.62 -8.60 -5.75
CA ALA A 101 18.19 -7.71 -6.81
C ALA A 101 17.41 -6.54 -6.22
N VAL A 102 17.47 -5.39 -6.88
CA VAL A 102 16.76 -4.20 -6.40
C VAL A 102 15.76 -3.79 -7.47
N PHE A 103 14.54 -3.49 -7.04
CA PHE A 103 13.49 -3.10 -7.97
C PHE A 103 12.87 -1.78 -7.55
N LEU A 104 12.91 -0.79 -8.44
CA LEU A 104 12.30 0.50 -8.16
C LEU A 104 10.87 0.35 -8.66
N ILE A 105 9.92 0.41 -7.74
CA ILE A 105 8.54 0.22 -8.12
C ILE A 105 7.58 0.79 -7.08
N GLU A 106 6.38 1.16 -7.52
CA GLU A 106 5.37 1.70 -6.61
C GLU A 106 4.29 0.64 -6.45
N ALA A 107 4.38 -0.14 -5.37
CA ALA A 107 3.40 -1.18 -5.12
C ALA A 107 3.44 -1.65 -3.67
N ALA A 108 2.34 -1.38 -2.96
CA ALA A 108 2.22 -1.77 -1.56
C ALA A 108 2.30 -3.28 -1.37
N LYS A 109 1.77 -4.02 -2.33
CA LYS A 109 1.77 -5.48 -2.27
C LYS A 109 2.59 -6.10 -3.39
N VAL A 110 3.59 -6.91 -3.02
CA VAL A 110 4.43 -7.56 -4.02
C VAL A 110 4.72 -9.01 -3.67
N VAL A 111 5.04 -9.78 -4.70
CA VAL A 111 5.39 -11.20 -4.56
C VAL A 111 6.77 -11.34 -5.18
N ALA A 112 7.70 -11.95 -4.46
CA ALA A 112 9.05 -12.13 -4.97
C ALA A 112 9.31 -13.61 -5.24
N ARG A 113 9.86 -13.91 -6.41
CA ARG A 113 10.15 -15.29 -6.77
C ARG A 113 11.64 -15.42 -7.10
N ALA A 114 12.17 -16.61 -6.91
CA ALA A 114 13.57 -16.88 -7.19
C ALA A 114 13.68 -18.30 -7.70
N TYR A 115 14.69 -18.57 -8.54
CA TYR A 115 14.86 -19.90 -9.08
C TYR A 115 16.30 -20.40 -8.94
N CYS A 116 16.45 -21.54 -8.28
CA CYS A 116 17.75 -22.16 -8.09
C CYS A 116 17.87 -23.23 -9.17
N ASN A 117 19.00 -23.27 -9.89
CA ASN A 117 19.16 -24.25 -10.94
C ASN A 117 19.03 -25.68 -10.44
N ILE A 118 19.30 -25.89 -9.16
CA ILE A 118 19.19 -27.22 -8.57
C ILE A 118 17.90 -27.41 -7.77
N HIS A 119 17.65 -26.51 -6.83
CA HIS A 119 16.48 -26.64 -5.95
C HIS A 119 15.13 -26.05 -6.37
N GLY A 120 15.01 -25.61 -7.61
CA GLY A 120 13.74 -25.11 -8.09
C GLY A 120 13.23 -23.70 -7.81
N HIS A 121 11.91 -23.59 -7.92
CA HIS A 121 11.15 -22.35 -7.77
C HIS A 121 10.71 -22.03 -6.33
N TRP A 122 10.90 -20.79 -5.91
CA TRP A 122 10.51 -20.39 -4.55
C TRP A 122 9.91 -18.99 -4.55
N LYS A 123 9.05 -18.71 -3.58
CA LYS A 123 8.44 -17.39 -3.50
C LYS A 123 8.11 -16.94 -2.09
N ALA A 124 7.86 -15.64 -1.96
CA ALA A 124 7.51 -15.03 -0.69
C ALA A 124 6.72 -13.77 -1.03
N GLU A 125 6.01 -13.23 -0.05
CA GLU A 125 5.22 -12.02 -0.27
C GLU A 125 5.21 -11.14 0.98
N ASN A 126 4.95 -9.85 0.79
CA ASN A 126 4.92 -8.90 1.89
C ASN A 126 3.47 -8.58 2.26
N PRO B 2 16.15 -22.99 -28.35
CA PRO B 2 15.71 -21.62 -27.98
C PRO B 2 16.69 -20.89 -27.08
N GLU B 3 16.55 -19.57 -27.05
CA GLU B 3 17.42 -18.74 -26.24
C GLU B 3 16.67 -17.80 -25.33
N ARG B 4 17.32 -17.43 -24.23
CA ARG B 4 16.74 -16.53 -23.25
C ARG B 4 16.15 -15.30 -23.93
N LEU B 5 14.95 -14.94 -23.51
CA LEU B 5 14.21 -13.78 -24.02
C LEU B 5 13.40 -14.00 -25.27
N GLN B 6 13.60 -15.11 -25.99
CA GLN B 6 12.80 -15.34 -27.19
C GLN B 6 11.37 -15.64 -26.78
N VAL B 7 10.43 -15.25 -27.64
CA VAL B 7 9.00 -15.47 -27.39
C VAL B 7 8.42 -16.44 -28.41
N TYR B 8 7.81 -17.52 -27.92
CA TYR B 8 7.20 -18.52 -28.79
C TYR B 8 5.68 -18.61 -28.58
N LYS B 9 4.97 -18.82 -29.68
CA LYS B 9 3.52 -18.93 -29.65
C LYS B 9 3.03 -20.19 -30.33
N CYS B 10 1.95 -20.76 -29.79
CA CYS B 10 1.34 -21.93 -30.39
C CYS B 10 0.21 -21.38 -31.25
N GLU B 11 0.35 -21.50 -32.55
CA GLU B 11 -0.65 -20.97 -33.48
C GLU B 11 -1.99 -21.68 -33.39
N VAL B 12 -2.02 -22.86 -32.79
CA VAL B 12 -3.27 -23.59 -32.67
C VAL B 12 -4.09 -23.17 -31.45
N CYS B 13 -3.52 -23.28 -30.25
CA CYS B 13 -4.26 -22.93 -29.04
C CYS B 13 -3.99 -21.55 -28.47
N GLY B 14 -2.95 -20.88 -28.96
CA GLY B 14 -2.66 -19.55 -28.48
C GLY B 14 -1.72 -19.38 -27.30
N ASN B 15 -1.13 -20.46 -26.79
CA ASN B 15 -0.19 -20.33 -25.69
C ASN B 15 0.99 -19.48 -26.20
N ILE B 16 1.53 -18.62 -25.35
CA ILE B 16 2.69 -17.81 -25.71
C ILE B 16 3.60 -17.85 -24.51
N VAL B 17 4.86 -18.19 -24.73
CA VAL B 17 5.81 -18.27 -23.64
C VAL B 17 7.07 -17.49 -23.96
N GLU B 18 7.84 -17.19 -22.91
CA GLU B 18 9.09 -16.47 -23.04
C GLU B 18 10.15 -17.36 -22.42
N VAL B 19 11.31 -17.45 -23.08
CA VAL B 19 12.38 -18.29 -22.59
C VAL B 19 13.18 -17.67 -21.44
N LEU B 20 13.30 -18.40 -20.33
CA LEU B 20 14.06 -17.95 -19.15
C LEU B 20 15.42 -18.63 -19.14
N ASN B 21 15.46 -19.85 -19.69
CA ASN B 21 16.70 -20.61 -19.77
C ASN B 21 16.70 -21.37 -21.11
N GLY B 22 17.73 -21.12 -21.92
CA GLY B 22 17.82 -21.76 -23.21
C GLY B 22 18.18 -23.24 -23.14
N GLY B 23 17.99 -23.93 -24.27
CA GLY B 23 18.28 -25.35 -24.35
C GLY B 23 18.24 -25.74 -25.82
N ILE B 24 18.52 -27.00 -26.14
CA ILE B 24 18.52 -27.43 -27.53
C ILE B 24 17.18 -27.96 -28.04
N GLY B 25 16.30 -28.37 -27.14
CA GLY B 25 15.02 -28.90 -27.57
C GLY B 25 14.06 -27.90 -28.16
N GLU B 26 13.20 -28.36 -29.07
CA GLU B 26 12.22 -27.47 -29.68
C GLU B 26 10.93 -27.49 -28.88
N LEU B 27 10.44 -26.30 -28.54
CA LEU B 27 9.20 -26.18 -27.78
C LEU B 27 8.04 -26.62 -28.68
N VAL B 28 7.18 -27.47 -28.13
CA VAL B 28 6.03 -27.99 -28.86
C VAL B 28 4.72 -27.84 -28.12
N CYS B 29 3.65 -27.59 -28.88
CA CYS B 29 2.31 -27.46 -28.31
C CYS B 29 1.32 -27.86 -29.39
N CYS B 30 0.26 -28.56 -29.00
CA CYS B 30 -0.75 -29.00 -29.97
C CYS B 30 -0.11 -29.77 -31.12
N ASN B 31 0.83 -30.63 -30.78
CA ASN B 31 1.54 -31.46 -31.74
C ASN B 31 2.24 -30.73 -32.89
N GLN B 32 2.77 -29.56 -32.61
CA GLN B 32 3.52 -28.82 -33.62
C GLN B 32 4.48 -27.84 -32.95
N ASP B 33 5.64 -27.66 -33.57
CA ASP B 33 6.66 -26.76 -33.03
C ASP B 33 6.06 -25.38 -32.81
N MET B 34 6.32 -24.81 -31.64
CA MET B 34 5.80 -23.47 -31.37
C MET B 34 6.55 -22.51 -32.29
N LYS B 35 5.87 -21.45 -32.69
CA LYS B 35 6.43 -20.45 -33.59
C LYS B 35 7.22 -19.35 -32.88
N LEU B 36 8.45 -19.14 -33.31
CA LEU B 36 9.28 -18.10 -32.74
C LEU B 36 8.71 -16.77 -33.24
N MET B 37 8.36 -15.88 -32.31
CA MET B 37 7.79 -14.59 -32.71
C MET B 37 8.88 -13.54 -32.86
N SER B 38 9.53 -13.55 -34.02
CA SER B 38 10.61 -12.62 -34.32
C SER B 38 10.12 -11.19 -34.42
N GLU B 39 10.80 -10.27 -33.75
CA GLU B 39 10.39 -8.87 -33.75
C GLU B 39 10.34 -8.21 -35.12
N ASN B 40 9.43 -7.25 -35.23
CA ASN B 40 9.24 -6.46 -36.45
C ASN B 40 9.29 -7.25 -37.76
N THR B 41 8.57 -8.37 -37.83
CA THR B 41 8.56 -9.16 -39.06
C THR B 41 7.18 -9.21 -39.71
N VAL B 42 6.15 -8.94 -38.91
CA VAL B 42 4.78 -8.94 -39.41
C VAL B 42 4.49 -7.70 -40.26
N ASP B 43 3.77 -7.89 -41.36
CA ASP B 43 3.42 -6.78 -42.23
C ASP B 43 2.34 -5.93 -41.56
N ALA B 44 2.76 -4.98 -40.74
CA ALA B 44 1.83 -4.11 -40.03
C ALA B 44 2.34 -2.68 -39.94
N ALA B 45 1.46 -1.77 -39.55
CA ALA B 45 1.79 -0.35 -39.42
C ALA B 45 2.85 -0.14 -38.35
N LYS B 46 4.07 0.16 -38.78
CA LYS B 46 5.15 0.38 -37.84
C LYS B 46 4.86 1.57 -36.91
N GLU B 47 4.14 2.56 -37.41
CA GLU B 47 3.87 3.72 -36.57
C GLU B 47 2.87 3.40 -35.46
N LYS B 48 2.30 2.20 -35.49
CA LYS B 48 1.34 1.78 -34.46
C LYS B 48 1.89 0.65 -33.59
N HIS B 49 2.97 0.00 -34.04
CA HIS B 49 3.53 -1.12 -33.28
C HIS B 49 4.96 -0.93 -32.78
N VAL B 50 5.77 -0.18 -33.53
CA VAL B 50 7.15 0.03 -33.11
C VAL B 50 7.17 0.89 -31.85
N PRO B 51 7.69 0.34 -30.74
CA PRO B 51 7.75 1.07 -29.48
C PRO B 51 8.56 2.36 -29.58
N VAL B 52 8.07 3.40 -28.92
CA VAL B 52 8.78 4.68 -28.92
C VAL B 52 9.31 4.88 -27.51
N ILE B 53 10.64 4.95 -27.39
CA ILE B 53 11.29 5.10 -26.10
C ILE B 53 11.58 6.55 -25.72
N GLU B 54 10.99 6.99 -24.61
CA GLU B 54 11.20 8.35 -24.13
C GLU B 54 12.01 8.29 -22.85
N LYS B 55 13.21 8.88 -22.87
CA LYS B 55 14.05 8.89 -21.70
C LYS B 55 13.54 9.92 -20.70
N ILE B 56 13.38 9.49 -19.46
CA ILE B 56 12.91 10.37 -18.38
C ILE B 56 13.88 10.25 -17.22
N ASP B 57 13.78 11.18 -16.28
CA ASP B 57 14.67 11.17 -15.12
C ASP B 57 14.47 9.92 -14.27
N GLY B 58 15.48 9.07 -14.24
CA GLY B 58 15.40 7.86 -13.46
C GLY B 58 14.82 6.66 -14.18
N GLY B 59 14.60 6.77 -15.49
CA GLY B 59 14.05 5.64 -16.22
C GLY B 59 13.59 5.91 -17.64
N TYR B 60 12.56 5.19 -18.05
CA TYR B 60 12.03 5.34 -19.40
C TYR B 60 10.52 5.16 -19.46
N LYS B 61 9.92 5.80 -20.45
CA LYS B 61 8.50 5.70 -20.70
C LYS B 61 8.45 5.12 -22.09
N VAL B 62 7.59 4.13 -22.29
CA VAL B 62 7.48 3.51 -23.60
C VAL B 62 6.02 3.54 -24.05
N LYS B 63 5.75 4.04 -25.25
CA LYS B 63 4.38 4.05 -25.76
C LYS B 63 4.47 3.25 -27.07
N VAL B 64 3.48 2.47 -27.43
CA VAL B 64 3.56 1.79 -28.69
C VAL B 64 2.57 2.70 -29.52
N GLY B 65 2.80 3.46 -30.59
CA GLY B 65 3.97 3.46 -31.41
C GLY B 65 3.70 4.92 -31.57
N ALA B 66 4.14 5.54 -32.64
CA ALA B 66 4.02 7.00 -32.74
C ALA B 66 2.58 7.42 -32.70
N VAL B 67 1.79 6.45 -33.12
CA VAL B 67 0.35 6.58 -33.09
C VAL B 67 -0.12 5.59 -32.06
N ALA B 68 -0.82 6.09 -31.05
CA ALA B 68 -1.37 5.25 -30.00
C ALA B 68 -2.07 4.05 -30.60
N HIS B 69 -1.60 2.86 -30.24
CA HIS B 69 -2.18 1.63 -30.76
C HIS B 69 -3.55 1.40 -30.13
N PRO B 70 -4.46 0.77 -30.86
CA PRO B 70 -5.79 0.50 -30.31
C PRO B 70 -5.65 -0.37 -29.06
N MET B 71 -6.57 -0.23 -28.13
CA MET B 71 -6.55 -1.03 -26.91
C MET B 71 -7.98 -1.52 -26.72
N GLU B 72 -8.42 -2.29 -27.72
CA GLU B 72 -9.76 -2.85 -27.75
C GLU B 72 -9.76 -4.30 -27.32
N GLU B 73 -10.91 -4.76 -26.86
CA GLU B 73 -11.08 -6.13 -26.38
C GLU B 73 -10.48 -7.19 -27.30
N LYS B 74 -10.59 -6.99 -28.61
CA LYS B 74 -10.07 -7.96 -29.57
C LYS B 74 -8.82 -7.53 -30.32
N HIS B 75 -8.29 -6.37 -29.97
CA HIS B 75 -7.10 -5.87 -30.63
C HIS B 75 -6.42 -4.88 -29.70
N TYR B 76 -5.36 -5.35 -29.02
CA TYR B 76 -4.63 -4.50 -28.09
C TYR B 76 -3.21 -5.01 -27.87
N ILE B 77 -2.40 -4.18 -27.22
CA ILE B 77 -1.02 -4.54 -26.89
C ILE B 77 -1.12 -5.26 -25.55
N GLN B 78 -0.79 -6.55 -25.57
CA GLN B 78 -0.87 -7.38 -24.38
C GLN B 78 0.16 -7.03 -23.31
N TRP B 79 1.30 -6.50 -23.73
CA TRP B 79 2.32 -6.11 -22.78
C TRP B 79 3.44 -5.32 -23.45
N ILE B 80 4.19 -4.62 -22.62
CA ILE B 80 5.34 -3.85 -23.06
C ILE B 80 6.46 -4.33 -22.15
N GLU B 81 7.62 -4.53 -22.76
CA GLU B 81 8.78 -5.03 -22.04
C GLU B 81 10.00 -4.16 -22.25
N LEU B 82 10.81 -4.00 -21.21
CA LEU B 82 12.03 -3.23 -21.31
C LEU B 82 13.19 -4.14 -20.93
N LEU B 83 14.14 -4.28 -21.86
CA LEU B 83 15.31 -5.10 -21.68
C LEU B 83 16.53 -4.20 -21.44
N ALA B 84 17.08 -4.29 -20.25
CA ALA B 84 18.24 -3.48 -19.87
C ALA B 84 19.24 -4.34 -19.13
N ASP B 85 20.41 -4.49 -19.74
CA ASP B 85 21.47 -5.31 -19.14
C ASP B 85 20.91 -6.71 -19.01
N ASP B 86 20.89 -7.23 -17.77
CA ASP B 86 20.35 -8.57 -17.53
C ASP B 86 19.00 -8.47 -16.85
N LYS B 87 18.29 -7.38 -17.12
CA LYS B 87 16.97 -7.17 -16.56
C LYS B 87 15.91 -7.27 -17.66
N CYS B 88 14.75 -7.80 -17.30
N CYS B 88 14.76 -7.80 -17.29
CA CYS B 88 13.65 -7.93 -18.23
CA CYS B 88 13.63 -7.95 -18.21
C CYS B 88 12.42 -7.51 -17.45
C CYS B 88 12.40 -7.52 -17.45
N TYR B 89 11.95 -6.30 -17.70
CA TYR B 89 10.78 -5.75 -17.03
C TYR B 89 9.55 -5.81 -17.91
N THR B 90 8.52 -6.51 -17.44
CA THR B 90 7.29 -6.63 -18.21
C THR B 90 6.11 -5.94 -17.55
N GLN B 91 5.38 -5.20 -18.36
CA GLN B 91 4.19 -4.50 -17.91
C GLN B 91 3.03 -5.02 -18.75
N PHE B 92 2.21 -5.85 -18.15
CA PHE B 92 1.05 -6.40 -18.86
C PHE B 92 0.01 -5.28 -18.90
N LEU B 93 -0.78 -5.26 -19.97
CA LEU B 93 -1.81 -4.25 -20.15
C LEU B 93 -3.16 -4.90 -20.37
N LYS B 94 -4.21 -4.08 -20.31
CA LYS B 94 -5.57 -4.57 -20.50
C LYS B 94 -6.27 -3.64 -21.48
N PRO B 95 -7.27 -4.15 -22.20
CA PRO B 95 -8.00 -3.30 -23.13
C PRO B 95 -8.52 -2.08 -22.37
N GLY B 96 -8.52 -0.91 -23.01
CA GLY B 96 -9.01 0.28 -22.34
C GLY B 96 -7.93 1.15 -21.74
N GLN B 97 -6.77 0.56 -21.44
CA GLN B 97 -5.68 1.34 -20.87
C GLN B 97 -4.91 2.01 -22.00
N ALA B 98 -4.06 2.97 -21.65
CA ALA B 98 -3.24 3.65 -22.64
C ALA B 98 -2.14 2.66 -23.02
N PRO B 99 -1.80 2.58 -24.32
CA PRO B 99 -0.75 1.66 -24.74
C PRO B 99 0.65 2.21 -24.42
N GLU B 100 0.98 2.24 -23.14
CA GLU B 100 2.28 2.75 -22.70
C GLU B 100 2.65 2.22 -21.32
N ALA B 101 3.91 2.38 -20.95
CA ALA B 101 4.40 1.92 -19.65
C ALA B 101 5.59 2.74 -19.21
N VAL B 102 5.80 2.80 -17.90
CA VAL B 102 6.92 3.54 -17.33
C VAL B 102 7.82 2.58 -16.55
N PHE B 103 9.11 2.66 -16.79
CA PHE B 103 10.07 1.79 -16.12
C PHE B 103 11.15 2.59 -15.42
N LEU B 104 11.26 2.41 -14.10
CA LEU B 104 12.27 3.11 -13.33
C LEU B 104 13.51 2.22 -13.29
N ILE B 105 14.52 2.59 -14.06
CA ILE B 105 15.74 1.80 -14.11
C ILE B 105 16.94 2.63 -14.56
N GLU B 106 18.13 2.19 -14.17
CA GLU B 106 19.35 2.89 -14.55
C GLU B 106 20.09 2.06 -15.60
N ALA B 107 20.12 2.56 -16.82
CA ALA B 107 20.79 1.90 -17.94
C ALA B 107 20.75 2.83 -19.14
N ALA B 108 21.90 3.02 -19.79
CA ALA B 108 21.98 3.92 -20.93
C ALA B 108 21.38 3.27 -22.18
N LYS B 109 21.72 2.01 -22.42
CA LYS B 109 21.18 1.32 -23.57
C LYS B 109 20.06 0.37 -23.15
N VAL B 110 18.91 0.51 -23.79
CA VAL B 110 17.77 -0.32 -23.47
C VAL B 110 17.03 -0.74 -24.73
N VAL B 111 16.38 -1.89 -24.66
CA VAL B 111 15.59 -2.40 -25.77
C VAL B 111 14.16 -2.47 -25.26
N ALA B 112 13.23 -1.94 -26.05
CA ALA B 112 11.83 -1.94 -25.70
C ALA B 112 11.10 -2.87 -26.66
N ARG B 113 10.26 -3.74 -26.10
CA ARG B 113 9.49 -4.66 -26.91
C ARG B 113 8.02 -4.51 -26.58
N ALA B 114 7.18 -4.89 -27.54
CA ALA B 114 5.73 -4.82 -27.39
C ALA B 114 5.08 -5.92 -28.19
N TYR B 115 3.94 -6.41 -27.71
CA TYR B 115 3.24 -7.47 -28.41
C TYR B 115 1.76 -7.17 -28.63
N CYS B 116 1.35 -7.22 -29.88
CA CYS B 116 -0.04 -6.99 -30.25
C CYS B 116 -0.63 -8.38 -30.49
N ASN B 117 -1.77 -8.66 -29.86
CA ASN B 117 -2.41 -9.96 -30.01
C ASN B 117 -2.64 -10.30 -31.48
N ILE B 118 -2.77 -9.26 -32.30
CA ILE B 118 -3.01 -9.47 -33.73
C ILE B 118 -1.77 -9.32 -34.61
N HIS B 119 -1.00 -8.25 -34.41
CA HIS B 119 0.17 -8.00 -35.24
C HIS B 119 1.54 -8.48 -34.78
N GLY B 120 1.58 -9.23 -33.70
CA GLY B 120 2.86 -9.77 -33.27
C GLY B 120 3.81 -8.99 -32.38
N HIS B 121 5.07 -9.42 -32.43
CA HIS B 121 6.17 -8.90 -31.63
C HIS B 121 6.92 -7.76 -32.30
N TRP B 122 7.16 -6.68 -31.56
CA TRP B 122 7.88 -5.53 -32.08
C TRP B 122 8.89 -4.97 -31.10
N LYS B 123 9.95 -4.33 -31.60
CA LYS B 123 10.97 -3.77 -30.73
C LYS B 123 11.64 -2.51 -31.26
N ALA B 124 12.38 -1.86 -30.36
CA ALA B 124 13.13 -0.66 -30.66
C ALA B 124 14.18 -0.50 -29.57
N GLU B 125 15.25 0.23 -29.88
CA GLU B 125 16.32 0.46 -28.91
C GLU B 125 16.72 1.91 -28.98
N ASN B 126 17.31 2.42 -27.89
CA ASN B 126 17.74 3.81 -27.87
C ASN B 126 19.25 3.87 -28.09
N MET C 1 3.00 23.76 8.03
CA MET C 1 2.85 22.27 7.99
C MET C 1 2.02 21.73 9.17
N PRO C 2 1.71 20.41 9.18
CA PRO C 2 0.91 19.71 10.20
C PRO C 2 1.14 19.96 11.70
N GLU C 3 0.08 20.39 12.37
CA GLU C 3 0.09 20.65 13.81
C GLU C 3 -1.02 19.83 14.49
N ARG C 4 -0.72 19.28 15.67
CA ARG C 4 -1.72 18.51 16.40
C ARG C 4 -3.06 19.23 16.45
N LEU C 5 -4.13 18.48 16.30
CA LEU C 5 -5.51 18.97 16.32
C LEU C 5 -6.05 19.49 14.99
N GLN C 6 -5.17 19.75 14.02
CA GLN C 6 -5.64 20.23 12.72
C GLN C 6 -6.42 19.14 11.99
N VAL C 7 -7.45 19.55 11.28
CA VAL C 7 -8.25 18.60 10.53
C VAL C 7 -8.01 18.82 9.04
N TYR C 8 -7.63 17.75 8.35
CA TYR C 8 -7.38 17.81 6.90
C TYR C 8 -8.33 16.93 6.10
N LYS C 9 -8.73 17.42 4.93
CA LYS C 9 -9.64 16.66 4.08
C LYS C 9 -9.13 16.55 2.64
N CYS C 10 -9.34 15.38 2.03
CA CYS C 10 -8.97 15.21 0.64
C CYS C 10 -10.26 15.56 -0.09
N GLU C 11 -10.24 16.65 -0.84
CA GLU C 11 -11.42 17.09 -1.57
C GLU C 11 -11.79 16.18 -2.73
N VAL C 12 -10.93 15.20 -3.02
CA VAL C 12 -11.22 14.29 -4.12
C VAL C 12 -12.00 13.05 -3.66
N CYS C 13 -11.43 12.31 -2.72
CA CYS C 13 -12.06 11.07 -2.25
C CYS C 13 -12.85 11.19 -0.95
N GLY C 14 -12.64 12.27 -0.20
CA GLY C 14 -13.40 12.44 1.04
C GLY C 14 -12.73 12.01 2.34
N ASN C 15 -11.49 11.53 2.28
CA ASN C 15 -10.79 11.14 3.50
C ASN C 15 -10.69 12.38 4.38
N ILE C 16 -10.88 12.21 5.67
CA ILE C 16 -10.73 13.32 6.61
C ILE C 16 -9.97 12.77 7.80
N VAL C 17 -8.90 13.44 8.18
CA VAL C 17 -8.08 13.00 9.29
C VAL C 17 -7.82 14.14 10.27
N GLU C 18 -7.40 13.76 11.48
CA GLU C 18 -7.08 14.73 12.52
C GLU C 18 -5.62 14.48 12.87
N VAL C 19 -4.85 15.54 13.09
CA VAL C 19 -3.44 15.35 13.43
C VAL C 19 -3.18 15.01 14.90
N LEU C 20 -2.49 13.90 15.13
CA LEU C 20 -2.14 13.46 16.48
C LEU C 20 -0.70 13.87 16.78
N ASN C 21 0.15 13.85 15.75
CA ASN C 21 1.55 14.23 15.94
C ASN C 21 2.00 15.00 14.70
N GLY C 22 2.43 16.24 14.90
CA GLY C 22 2.85 17.09 13.80
C GLY C 22 4.18 16.69 13.18
N GLY C 23 4.50 17.31 12.04
CA GLY C 23 5.74 17.02 11.34
C GLY C 23 5.95 18.02 10.21
N ILE C 24 7.07 17.89 9.50
CA ILE C 24 7.39 18.82 8.42
C ILE C 24 6.80 18.44 7.06
N GLY C 25 6.36 17.20 6.93
CA GLY C 25 5.80 16.75 5.66
C GLY C 25 4.36 17.17 5.41
N GLU C 26 4.04 17.45 4.15
CA GLU C 26 2.71 17.87 3.73
C GLU C 26 1.83 16.63 3.51
N LEU C 27 0.62 16.64 4.05
CA LEU C 27 -0.29 15.51 3.86
C LEU C 27 -0.86 15.54 2.45
N VAL C 28 -0.75 14.41 1.77
CA VAL C 28 -1.22 14.28 0.39
C VAL C 28 -2.20 13.13 0.21
N CYS C 29 -3.14 13.32 -0.71
CA CYS C 29 -4.12 12.28 -1.02
C CYS C 29 -4.68 12.54 -2.43
N CYS C 30 -4.83 11.46 -3.20
CA CYS C 30 -5.33 11.57 -4.57
C CYS C 30 -4.53 12.60 -5.36
N ASN C 31 -3.20 12.50 -5.28
CA ASN C 31 -2.28 13.38 -5.98
C ASN C 31 -2.42 14.89 -5.76
N GLN C 32 -2.83 15.29 -4.56
CA GLN C 32 -2.93 16.72 -4.25
C GLN C 32 -2.92 16.96 -2.75
N ASP C 33 -2.54 18.18 -2.37
CA ASP C 33 -2.48 18.54 -0.95
C ASP C 33 -3.84 18.39 -0.31
N MET C 34 -3.88 17.78 0.87
CA MET C 34 -5.13 17.64 1.59
C MET C 34 -5.43 19.04 2.11
N LYS C 35 -6.71 19.40 2.14
CA LYS C 35 -7.11 20.72 2.57
C LYS C 35 -7.24 20.88 4.08
N LEU C 36 -6.62 21.93 4.60
CA LEU C 36 -6.68 22.23 6.03
C LEU C 36 -8.06 22.83 6.26
N MET C 37 -8.85 22.16 7.10
CA MET C 37 -10.19 22.64 7.39
C MET C 37 -10.17 23.59 8.58
N SER C 38 -9.82 24.86 8.32
CA SER C 38 -9.78 25.86 9.39
C SER C 38 -11.21 26.13 9.87
N GLU C 39 -11.35 26.42 11.16
CA GLU C 39 -12.66 26.68 11.74
C GLU C 39 -13.25 28.04 11.39
N ASN C 40 -14.56 28.03 11.12
CA ASN C 40 -15.30 29.24 10.78
C ASN C 40 -14.73 29.98 9.58
N THR C 41 -14.64 29.29 8.45
CA THR C 41 -14.10 29.91 7.24
C THR C 41 -15.10 29.80 6.10
N VAL C 42 -15.95 28.77 6.15
CA VAL C 42 -16.96 28.57 5.12
C VAL C 42 -18.07 29.59 5.31
N ASP C 43 -18.44 30.26 4.23
CA ASP C 43 -19.50 31.26 4.29
C ASP C 43 -20.87 30.59 4.38
N ALA C 44 -21.29 30.27 5.60
CA ALA C 44 -22.58 29.63 5.84
C ALA C 44 -23.24 30.16 7.11
N ALA C 45 -24.51 29.79 7.29
CA ALA C 45 -25.27 30.24 8.47
C ALA C 45 -24.51 29.96 9.76
N LYS C 46 -24.22 31.02 10.51
CA LYS C 46 -23.49 30.88 11.76
C LYS C 46 -24.37 30.40 12.90
N GLU C 47 -25.63 30.85 12.93
CA GLU C 47 -26.56 30.44 13.98
C GLU C 47 -26.87 28.95 13.83
N LYS C 48 -26.35 28.34 12.78
CA LYS C 48 -26.57 26.92 12.57
C LYS C 48 -25.31 26.08 12.63
N HIS C 49 -24.13 26.72 12.58
CA HIS C 49 -22.91 25.92 12.66
C HIS C 49 -22.05 26.18 13.89
N VAL C 50 -22.02 27.41 14.38
CA VAL C 50 -21.23 27.70 15.56
C VAL C 50 -21.78 26.89 16.73
N PRO C 51 -20.90 26.10 17.37
CA PRO C 51 -21.32 25.28 18.50
C PRO C 51 -21.80 26.13 19.67
N VAL C 52 -22.83 25.65 20.37
CA VAL C 52 -23.36 26.35 21.54
C VAL C 52 -22.93 25.57 22.76
N ILE C 53 -22.20 26.23 23.66
CA ILE C 53 -21.69 25.59 24.87
C ILE C 53 -22.53 25.93 26.11
N GLU C 54 -22.95 24.90 26.84
CA GLU C 54 -23.75 25.09 28.05
C GLU C 54 -23.20 24.28 29.23
N LYS C 55 -22.71 25.00 30.25
CA LYS C 55 -22.17 24.40 31.47
C LYS C 55 -23.23 23.56 32.15
N ILE C 56 -22.83 22.46 32.75
CA ILE C 56 -23.82 21.66 33.44
C ILE C 56 -23.16 20.92 34.56
N ASP C 57 -23.91 20.17 35.33
CA ASP C 57 -23.21 19.53 36.40
C ASP C 57 -22.27 18.43 35.99
N GLY C 58 -21.03 18.78 36.26
CA GLY C 58 -19.89 17.97 35.99
C GLY C 58 -19.56 17.89 34.52
N GLY C 59 -19.72 18.99 33.80
CA GLY C 59 -19.39 18.92 32.39
C GLY C 59 -20.03 19.96 31.51
N TYR C 60 -20.16 19.63 30.23
CA TYR C 60 -20.74 20.55 29.28
C TYR C 60 -21.65 19.87 28.31
N LYS C 61 -22.59 20.66 27.82
CA LYS C 61 -23.51 20.19 26.81
C LYS C 61 -23.27 21.08 25.61
N VAL C 62 -22.97 20.46 24.48
CA VAL C 62 -22.73 21.21 23.26
C VAL C 62 -23.75 20.80 22.21
N LYS C 63 -24.42 21.79 21.62
CA LYS C 63 -25.41 21.56 20.58
C LYS C 63 -25.01 22.41 19.39
N VAL C 64 -25.39 21.98 18.20
CA VAL C 64 -25.06 22.69 16.96
C VAL C 64 -26.29 23.10 16.15
N GLY C 65 -26.62 24.38 16.10
CA GLY C 65 -25.91 25.43 16.80
C GLY C 65 -27.01 26.12 17.59
N ALA C 66 -27.12 27.45 17.45
CA ALA C 66 -28.17 28.22 18.13
C ALA C 66 -29.53 27.74 17.64
N VAL C 67 -29.60 27.42 16.36
CA VAL C 67 -30.79 26.85 15.77
C VAL C 67 -30.26 25.47 15.50
N ALA C 68 -31.04 24.45 15.81
CA ALA C 68 -30.59 23.09 15.58
C ALA C 68 -30.25 22.84 14.12
N HIS C 69 -29.03 22.36 13.90
CA HIS C 69 -28.56 22.06 12.56
C HIS C 69 -29.25 20.80 12.05
N PRO C 70 -29.55 20.73 10.74
CA PRO C 70 -30.21 19.52 10.22
C PRO C 70 -29.36 18.29 10.47
N MET C 71 -30.02 17.13 10.53
CA MET C 71 -29.30 15.88 10.72
C MET C 71 -29.86 14.89 9.70
N GLU C 72 -29.66 15.22 8.43
CA GLU C 72 -30.11 14.40 7.32
C GLU C 72 -29.02 13.45 6.85
N GLU C 73 -29.43 12.40 6.13
CA GLU C 73 -28.50 11.41 5.61
C GLU C 73 -27.34 12.01 4.84
N LYS C 74 -27.59 13.13 4.16
CA LYS C 74 -26.53 13.76 3.37
C LYS C 74 -26.23 15.21 3.75
N HIS C 75 -26.64 15.60 4.95
CA HIS C 75 -26.37 16.94 5.49
C HIS C 75 -26.59 16.90 7.00
N TYR C 76 -25.55 16.49 7.72
CA TYR C 76 -25.63 16.41 9.17
C TYR C 76 -24.30 16.77 9.79
N ILE C 77 -24.27 16.84 11.13
CA ILE C 77 -23.04 17.14 11.85
C ILE C 77 -22.39 15.79 12.13
N GLN C 78 -21.25 15.53 11.50
CA GLN C 78 -20.58 14.25 11.67
C GLN C 78 -20.00 14.00 13.06
N TRP C 79 -19.60 15.07 13.73
CA TRP C 79 -19.09 14.91 15.08
C TRP C 79 -18.99 16.25 15.80
N ILE C 80 -18.90 16.16 17.12
CA ILE C 80 -18.75 17.32 17.98
C ILE C 80 -17.54 17.00 18.83
N GLU C 81 -16.69 17.98 19.04
CA GLU C 81 -15.46 17.75 19.79
C GLU C 81 -15.23 18.77 20.90
N LEU C 82 -14.74 18.31 22.05
CA LEU C 82 -14.47 19.21 23.15
C LEU C 82 -12.96 19.20 23.44
N LEU C 83 -12.35 20.38 23.35
CA LEU C 83 -10.94 20.49 23.61
C LEU C 83 -10.78 21.14 24.98
N ALA C 84 -9.98 20.52 25.83
CA ALA C 84 -9.77 21.04 27.18
C ALA C 84 -8.43 20.59 27.74
N ASP C 85 -7.54 21.54 28.00
CA ASP C 85 -6.24 21.19 28.54
C ASP C 85 -5.62 20.27 27.49
N ASP C 86 -5.11 19.10 27.88
CA ASP C 86 -4.54 18.17 26.91
C ASP C 86 -5.54 17.07 26.59
N LYS C 87 -6.83 17.41 26.65
CA LYS C 87 -7.88 16.46 26.35
C LYS C 87 -8.53 16.80 25.02
N CYS C 88 -9.01 15.77 24.33
N CYS C 88 -9.00 15.76 24.33
CA CYS C 88 -9.66 15.95 23.05
CA CYS C 88 -9.67 15.92 23.05
C CYS C 88 -10.75 14.89 22.95
C CYS C 88 -10.76 14.87 22.96
N TYR C 89 -11.96 15.24 23.38
CA TYR C 89 -13.09 14.33 23.38
C TYR C 89 -13.97 14.50 22.15
N THR C 90 -14.19 13.39 21.45
CA THR C 90 -15.00 13.41 20.26
C THR C 90 -16.21 12.50 20.34
N GLN C 91 -17.35 13.05 19.93
CA GLN C 91 -18.61 12.34 19.93
C GLN C 91 -19.06 12.30 18.47
N PHE C 92 -19.09 11.10 17.89
CA PHE C 92 -19.53 10.94 16.51
C PHE C 92 -21.05 10.82 16.50
N LEU C 93 -21.68 11.45 15.51
CA LEU C 93 -23.13 11.43 15.38
C LEU C 93 -23.57 10.74 14.10
N LYS C 94 -24.88 10.58 13.94
CA LYS C 94 -25.44 9.95 12.76
C LYS C 94 -26.72 10.67 12.39
N PRO C 95 -27.18 10.51 11.14
CA PRO C 95 -28.42 11.16 10.72
C PRO C 95 -29.56 10.67 11.62
N GLY C 96 -30.46 11.58 11.98
CA GLY C 96 -31.58 11.20 12.82
C GLY C 96 -31.38 11.57 14.27
N GLN C 97 -30.12 11.62 14.71
CA GLN C 97 -29.82 11.98 16.09
C GLN C 97 -29.87 13.49 16.25
N ALA C 98 -29.88 13.93 17.50
CA ALA C 98 -29.90 15.36 17.79
C ALA C 98 -28.48 15.90 17.65
N PRO C 99 -28.32 17.09 17.05
CA PRO C 99 -27.02 17.71 16.86
C PRO C 99 -26.39 18.20 18.16
N GLU C 100 -26.11 17.28 19.06
CA GLU C 100 -25.52 17.66 20.34
C GLU C 100 -24.84 16.50 21.02
N ALA C 101 -24.05 16.81 22.04
CA ALA C 101 -23.33 15.80 22.79
C ALA C 101 -23.05 16.31 24.20
N VAL C 102 -22.97 15.39 25.15
CA VAL C 102 -22.71 15.71 26.54
C VAL C 102 -21.28 15.28 26.88
N PHE C 103 -20.53 16.16 27.54
CA PHE C 103 -19.15 15.85 27.90
C PHE C 103 -18.90 15.98 29.41
N LEU C 104 -18.62 14.86 30.07
CA LEU C 104 -18.33 14.86 31.49
C LEU C 104 -16.87 15.21 31.69
N ILE C 105 -16.60 16.47 32.00
CA ILE C 105 -15.22 16.90 32.17
C ILE C 105 -15.10 18.02 33.20
N GLU C 106 -13.88 18.19 33.74
CA GLU C 106 -13.61 19.22 34.74
C GLU C 106 -12.64 20.27 34.20
N ALA C 107 -13.18 21.40 33.80
CA ALA C 107 -12.38 22.49 33.27
C ALA C 107 -13.26 23.72 33.04
N ALA C 108 -12.77 24.87 33.44
CA ALA C 108 -13.51 26.12 33.28
C ALA C 108 -13.14 26.80 31.96
N LYS C 109 -12.30 26.12 31.17
CA LYS C 109 -11.88 26.65 29.89
C LYS C 109 -11.94 25.53 28.85
N VAL C 110 -12.98 25.55 28.03
CA VAL C 110 -13.14 24.54 26.99
C VAL C 110 -13.46 25.13 25.62
N VAL C 111 -13.03 24.44 24.58
CA VAL C 111 -13.27 24.85 23.20
C VAL C 111 -14.04 23.72 22.52
N ALA C 112 -15.14 24.08 21.86
CA ALA C 112 -15.96 23.09 21.18
C ALA C 112 -15.87 23.25 19.68
N ARG C 113 -15.75 22.13 18.98
CA ARG C 113 -15.68 22.11 17.52
C ARG C 113 -16.74 21.15 16.99
N ALA C 114 -17.23 21.43 15.79
CA ALA C 114 -18.22 20.57 15.18
C ALA C 114 -17.92 20.53 13.68
N TYR C 115 -18.32 19.45 13.03
CA TYR C 115 -18.07 19.33 11.61
C TYR C 115 -19.30 18.96 10.81
N CYS C 116 -19.68 19.83 9.88
CA CYS C 116 -20.83 19.58 9.01
C CYS C 116 -20.27 18.95 7.74
N ASN C 117 -20.84 17.85 7.28
CA ASN C 117 -20.32 17.20 6.08
C ASN C 117 -20.29 18.13 4.87
N ILE C 118 -21.18 19.11 4.85
CA ILE C 118 -21.26 20.06 3.73
C ILE C 118 -20.59 21.41 4.03
N HIS C 119 -20.90 21.99 5.17
CA HIS C 119 -20.37 23.31 5.50
C HIS C 119 -19.08 23.42 6.30
N GLY C 120 -18.40 22.30 6.49
CA GLY C 120 -17.11 22.33 7.17
C GLY C 120 -16.93 22.36 8.69
N HIS C 121 -15.77 22.87 9.07
CA HIS C 121 -15.34 22.95 10.46
C HIS C 121 -15.70 24.26 11.15
N TRP C 122 -16.21 24.14 12.38
CA TRP C 122 -16.60 25.29 13.19
C TRP C 122 -16.19 25.10 14.65
N LYS C 123 -16.02 26.21 15.37
CA LYS C 123 -15.63 26.12 16.78
C LYS C 123 -16.14 27.28 17.62
N ALA C 124 -16.16 27.06 18.93
CA ALA C 124 -16.60 28.04 19.91
C ALA C 124 -15.88 27.75 21.23
N GLU C 125 -15.79 28.74 22.10
CA GLU C 125 -15.14 28.59 23.40
C GLU C 125 -15.84 29.42 24.46
N ASN C 126 -15.83 28.92 25.70
CA ASN C 126 -16.47 29.61 26.82
C ASN C 126 -15.48 30.55 27.52
N PRO D 2 -8.87 4.04 3.89
CA PRO D 2 -8.75 4.10 5.35
C PRO D 2 -10.11 4.15 6.03
N GLU D 3 -10.16 3.68 7.27
CA GLU D 3 -11.41 3.66 8.03
C GLU D 3 -11.29 4.48 9.30
N ARG D 4 -12.43 4.97 9.77
CA ARG D 4 -12.48 5.78 10.99
C ARG D 4 -11.76 5.10 12.16
N LEU D 5 -11.03 5.90 12.93
CA LEU D 5 -10.29 5.44 14.10
C LEU D 5 -8.92 4.85 13.79
N GLN D 6 -8.67 4.48 12.55
CA GLN D 6 -7.35 3.96 12.21
C GLN D 6 -6.32 5.08 12.39
N VAL D 7 -5.10 4.69 12.74
CA VAL D 7 -4.02 5.64 12.96
C VAL D 7 -2.93 5.36 11.93
N TYR D 8 -2.51 6.41 11.22
CA TYR D 8 -1.45 6.28 10.21
C TYR D 8 -0.26 7.16 10.53
N LYS D 9 0.93 6.68 10.22
CA LYS D 9 2.15 7.42 10.48
C LYS D 9 3.07 7.54 9.26
N CYS D 10 3.71 8.71 9.12
CA CYS D 10 4.66 8.91 8.05
C CYS D 10 6.01 8.55 8.66
N GLU D 11 6.61 7.46 8.18
CA GLU D 11 7.88 7.01 8.70
C GLU D 11 9.06 7.90 8.34
N VAL D 12 8.81 8.92 7.52
CA VAL D 12 9.87 9.83 7.10
C VAL D 12 9.92 11.08 7.97
N CYS D 13 8.80 11.76 8.11
CA CYS D 13 8.77 13.00 8.90
C CYS D 13 8.12 12.86 10.27
N GLY D 14 7.44 11.73 10.51
CA GLY D 14 6.83 11.53 11.80
C GLY D 14 5.39 11.98 11.99
N ASN D 15 4.75 12.50 10.94
CA ASN D 15 3.36 12.91 11.07
C ASN D 15 2.52 11.69 11.46
N ILE D 16 1.60 11.87 12.40
CA ILE D 16 0.71 10.77 12.77
C ILE D 16 -0.70 11.34 12.75
N VAL D 17 -1.60 10.67 12.05
CA VAL D 17 -2.97 11.16 12.00
C VAL D 17 -3.98 10.06 12.28
N GLU D 18 -5.18 10.48 12.66
CA GLU D 18 -6.24 9.53 12.94
C GLU D 18 -7.39 9.85 12.00
N VAL D 19 -8.00 8.82 11.43
CA VAL D 19 -9.09 8.97 10.48
C VAL D 19 -10.43 9.32 11.14
N LEU D 20 -11.08 10.35 10.62
CA LEU D 20 -12.37 10.82 11.12
C LEU D 20 -13.45 10.41 10.12
N ASN D 21 -13.07 10.39 8.84
CA ASN D 21 -13.99 10.02 7.78
C ASN D 21 -13.18 9.26 6.73
N GLY D 22 -13.66 8.09 6.33
CA GLY D 22 -12.94 7.29 5.34
C GLY D 22 -13.31 7.52 3.89
N GLY D 23 -12.33 7.30 3.01
CA GLY D 23 -12.52 7.47 1.58
C GLY D 23 -11.73 6.39 0.88
N ILE D 24 -11.69 6.41 -0.45
CA ILE D 24 -10.97 5.38 -1.19
C ILE D 24 -9.48 5.64 -1.42
N GLY D 25 -9.06 6.90 -1.32
CA GLY D 25 -7.66 7.21 -1.55
C GLY D 25 -6.70 6.82 -0.44
N GLU D 26 -5.43 6.66 -0.79
CA GLU D 26 -4.41 6.30 0.19
C GLU D 26 -3.77 7.57 0.72
N LEU D 27 -3.57 7.62 2.04
CA LEU D 27 -2.96 8.79 2.66
C LEU D 27 -1.47 8.78 2.33
N VAL D 28 -0.97 9.90 1.84
CA VAL D 28 0.44 10.02 1.47
C VAL D 28 1.19 11.15 2.16
N CYS D 29 2.45 10.90 2.49
CA CYS D 29 3.30 11.90 3.12
C CYS D 29 4.74 11.62 2.72
N CYS D 30 5.50 12.68 2.46
CA CYS D 30 6.89 12.52 2.05
C CYS D 30 6.96 11.50 0.93
N ASN D 31 6.06 11.67 -0.03
CA ASN D 31 5.91 10.84 -1.21
C ASN D 31 5.90 9.32 -1.02
N GLN D 32 5.12 8.86 -0.06
CA GLN D 32 4.96 7.44 0.17
C GLN D 32 3.74 7.22 1.05
N ASP D 33 3.04 6.12 0.83
CA ASP D 33 1.84 5.81 1.60
C ASP D 33 2.13 5.78 3.10
N MET D 34 1.31 6.48 3.86
CA MET D 34 1.48 6.50 5.31
C MET D 34 1.21 5.09 5.80
N LYS D 35 1.90 4.69 6.85
CA LYS D 35 1.78 3.35 7.41
C LYS D 35 0.68 3.21 8.47
N LEU D 36 -0.18 2.22 8.29
CA LEU D 36 -1.25 1.97 9.24
C LEU D 36 -0.62 1.41 10.51
N MET D 37 -0.89 2.03 11.66
CA MET D 37 -0.31 1.56 12.91
C MET D 37 -1.23 0.57 13.63
N SER D 38 -1.15 -0.68 13.20
CA SER D 38 -1.98 -1.74 13.79
C SER D 38 -1.64 -1.96 15.27
N GLU D 39 -2.67 -2.04 16.11
CA GLU D 39 -2.46 -2.23 17.54
C GLU D 39 -1.87 -3.59 17.91
N ASN D 40 -0.96 -3.57 18.88
CA ASN D 40 -0.30 -4.77 19.39
C ASN D 40 0.38 -5.62 18.33
N THR D 41 1.26 -5.02 17.54
CA THR D 41 1.96 -5.77 16.50
C THR D 41 3.46 -5.54 16.60
N VAL D 42 3.84 -4.43 17.22
CA VAL D 42 5.24 -4.15 17.38
C VAL D 42 5.85 -5.15 18.33
N ASP D 43 7.05 -5.59 18.00
CA ASP D 43 7.75 -6.55 18.82
C ASP D 43 8.30 -5.88 20.06
N ALA D 44 7.45 -5.69 21.06
CA ALA D 44 7.88 -5.07 22.28
C ALA D 44 7.18 -5.67 23.49
N ALA D 45 7.69 -5.36 24.66
CA ALA D 45 7.12 -5.86 25.90
C ALA D 45 5.69 -5.37 26.12
N LYS D 46 4.77 -6.30 26.26
CA LYS D 46 3.37 -5.95 26.50
C LYS D 46 3.20 -5.42 27.91
N GLU D 47 3.99 -5.96 28.84
CA GLU D 47 3.93 -5.55 30.26
C GLU D 47 4.10 -4.06 30.44
N LYS D 48 4.67 -3.42 29.41
CA LYS D 48 4.93 -1.99 29.47
C LYS D 48 4.11 -1.16 28.49
N HIS D 49 3.48 -1.82 27.51
CA HIS D 49 2.69 -1.06 26.54
C HIS D 49 1.20 -1.31 26.55
N VAL D 50 0.79 -2.55 26.81
CA VAL D 50 -0.64 -2.84 26.83
C VAL D 50 -1.34 -2.07 27.94
N PRO D 51 -2.44 -1.38 27.59
CA PRO D 51 -3.24 -0.58 28.53
C PRO D 51 -3.96 -1.46 29.55
N VAL D 52 -3.96 -1.02 30.80
CA VAL D 52 -4.64 -1.74 31.88
C VAL D 52 -5.89 -0.94 32.23
N ILE D 53 -7.06 -1.56 32.06
CA ILE D 53 -8.31 -0.89 32.34
C ILE D 53 -8.82 -1.13 33.76
N GLU D 54 -8.90 -0.05 34.54
CA GLU D 54 -9.38 -0.13 35.91
C GLU D 54 -10.69 0.62 36.02
N LYS D 55 -11.74 -0.14 36.30
CA LYS D 55 -13.06 0.44 36.43
C LYS D 55 -13.23 1.27 37.69
N ILE D 56 -13.79 2.46 37.55
CA ILE D 56 -14.02 3.31 38.72
C ILE D 56 -15.44 3.88 38.67
N ASP D 57 -15.77 4.71 39.67
CA ASP D 57 -17.10 5.28 39.76
C ASP D 57 -17.43 6.22 38.59
N GLY D 58 -18.37 5.78 37.76
CA GLY D 58 -18.79 6.56 36.61
C GLY D 58 -17.77 6.68 35.50
N GLY D 59 -16.64 5.99 35.64
CA GLY D 59 -15.62 6.07 34.61
C GLY D 59 -14.60 4.95 34.61
N TYR D 60 -13.47 5.22 33.97
CA TYR D 60 -12.37 4.26 33.86
C TYR D 60 -11.03 4.92 34.11
N LYS D 61 -10.09 4.14 34.62
CA LYS D 61 -8.74 4.63 34.89
C LYS D 61 -7.81 3.75 34.08
N VAL D 62 -7.17 4.33 33.07
CA VAL D 62 -6.26 3.56 32.22
C VAL D 62 -4.81 3.81 32.56
N LYS D 63 -4.09 2.70 32.69
CA LYS D 63 -2.67 2.74 33.01
C LYS D 63 -1.96 1.92 31.93
N VAL D 64 -0.82 2.43 31.48
CA VAL D 64 -0.03 1.82 30.44
C VAL D 64 1.19 1.42 31.27
N GLY D 65 1.37 0.15 31.66
CA GLY D 65 0.51 -1.02 31.42
C GLY D 65 0.79 -1.70 32.77
N ALA D 66 0.97 -3.00 32.85
CA ALA D 66 1.21 -3.64 34.16
C ALA D 66 2.35 -2.99 34.91
N VAL D 67 3.38 -2.63 34.16
CA VAL D 67 4.53 -1.95 34.71
C VAL D 67 4.38 -0.54 34.17
N ALA D 68 4.71 0.45 34.99
CA ALA D 68 4.61 1.82 34.53
C ALA D 68 5.59 2.03 33.40
N HIS D 69 5.07 2.38 32.22
CA HIS D 69 5.93 2.61 31.05
C HIS D 69 6.70 3.92 31.26
N PRO D 70 7.94 4.00 30.74
CA PRO D 70 8.75 5.21 30.88
C PRO D 70 8.10 6.45 30.30
N MET D 71 8.43 7.60 30.87
CA MET D 71 7.91 8.87 30.38
C MET D 71 9.08 9.83 30.22
N GLU D 72 10.04 9.40 29.39
CA GLU D 72 11.25 10.16 29.12
C GLU D 72 11.03 11.13 27.96
N GLU D 73 11.94 12.10 27.83
CA GLU D 73 11.88 13.08 26.76
C GLU D 73 11.92 12.35 25.42
N LYS D 74 12.77 11.34 25.35
CA LYS D 74 12.95 10.56 24.12
C LYS D 74 12.16 9.25 24.08
N HIS D 75 11.40 8.97 25.13
CA HIS D 75 10.62 7.73 25.18
C HIS D 75 9.46 7.88 26.14
N TYR D 76 8.24 7.93 25.61
CA TYR D 76 7.07 8.08 26.45
C TYR D 76 5.77 7.73 25.74
N ILE D 77 4.69 7.71 26.51
CA ILE D 77 3.36 7.43 25.97
C ILE D 77 2.76 8.77 25.57
N GLN D 78 2.75 9.02 24.27
CA GLN D 78 2.24 10.28 23.73
C GLN D 78 0.77 10.54 24.06
N TRP D 79 -0.03 9.48 24.11
CA TRP D 79 -1.44 9.65 24.42
C TRP D 79 -2.14 8.34 24.76
N ILE D 80 -3.20 8.45 25.54
CA ILE D 80 -4.02 7.30 25.94
C ILE D 80 -5.40 7.62 25.39
N GLU D 81 -6.06 6.64 24.80
CA GLU D 81 -7.36 6.86 24.20
C GLU D 81 -8.41 5.86 24.67
N LEU D 82 -9.66 6.31 24.76
CA LEU D 82 -10.75 5.44 25.18
C LEU D 82 -11.86 5.44 24.14
N LEU D 83 -12.24 4.25 23.69
CA LEU D 83 -13.29 4.12 22.68
C LEU D 83 -14.51 3.41 23.26
N ALA D 84 -15.69 3.97 23.00
CA ALA D 84 -16.94 3.41 23.49
C ALA D 84 -18.10 3.90 22.65
N ASP D 85 -18.78 2.97 21.99
CA ASP D 85 -19.91 3.31 21.14
C ASP D 85 -19.43 4.25 20.04
N ASP D 86 -19.89 5.50 20.05
CA ASP D 86 -19.45 6.46 19.05
C ASP D 86 -18.65 7.57 19.70
N LYS D 87 -18.00 7.24 20.82
CA LYS D 87 -17.18 8.20 21.52
C LYS D 87 -15.71 7.85 21.41
N CYS D 88 -14.89 8.87 21.24
CA CYS D 88 -13.45 8.69 21.14
C CYS D 88 -12.81 9.77 22.00
N TYR D 89 -12.39 9.38 23.20
CA TYR D 89 -11.77 10.30 24.14
C TYR D 89 -10.26 10.14 24.16
N THR D 90 -9.54 11.21 23.87
CA THR D 90 -8.09 11.15 23.85
C THR D 90 -7.49 12.04 24.92
N GLN D 91 -6.49 11.51 25.62
CA GLN D 91 -5.78 12.23 26.65
C GLN D 91 -4.31 12.25 26.28
N PHE D 92 -3.84 13.39 25.80
CA PHE D 92 -2.44 13.53 25.43
C PHE D 92 -1.62 13.70 26.69
N LEU D 93 -0.45 13.04 26.73
CA LEU D 93 0.43 13.12 27.89
C LEU D 93 1.71 13.83 27.53
N LYS D 94 2.56 14.04 28.53
CA LYS D 94 3.84 14.71 28.35
C LYS D 94 4.92 13.97 29.12
N PRO D 95 6.18 14.08 28.66
CA PRO D 95 7.27 13.40 29.35
C PRO D 95 7.35 13.97 30.76
N GLY D 96 7.35 13.09 31.77
CA GLY D 96 7.41 13.56 33.14
C GLY D 96 6.07 13.40 33.84
N GLN D 97 5.04 13.02 33.10
CA GLN D 97 3.73 12.81 33.70
C GLN D 97 3.56 11.32 33.92
N ALA D 98 2.57 10.94 34.73
CA ALA D 98 2.31 9.54 35.00
C ALA D 98 1.66 8.94 33.77
N PRO D 99 2.11 7.73 33.36
CA PRO D 99 1.56 7.05 32.19
C PRO D 99 0.15 6.52 32.45
N GLU D 100 -0.79 7.44 32.69
CA GLU D 100 -2.16 7.04 32.95
C GLU D 100 -3.14 8.16 32.65
N ALA D 101 -4.42 7.82 32.59
CA ALA D 101 -5.46 8.79 32.30
C ALA D 101 -6.79 8.37 32.91
N VAL D 102 -7.64 9.35 33.21
CA VAL D 102 -8.96 9.08 33.79
C VAL D 102 -10.04 9.58 32.84
N PHE D 103 -11.01 8.72 32.56
CA PHE D 103 -12.10 9.07 31.66
C PHE D 103 -13.47 8.87 32.31
N LEU D 104 -14.24 9.94 32.44
CA LEU D 104 -15.58 9.85 33.01
C LEU D 104 -16.55 9.51 31.89
N ILE D 105 -16.98 8.26 31.85
CA ILE D 105 -17.88 7.82 30.80
C ILE D 105 -18.95 6.83 31.27
N GLU D 106 -20.07 6.79 30.54
CA GLU D 106 -21.19 5.92 30.87
C GLU D 106 -21.32 4.74 29.90
N ALA D 107 -20.33 3.85 29.87
CA ALA D 107 -20.41 2.69 28.98
C ALA D 107 -19.78 1.44 29.60
N ALA D 108 -20.36 0.30 29.27
CA ALA D 108 -19.89 -0.98 29.78
C ALA D 108 -18.72 -1.50 28.95
N LYS D 109 -18.90 -1.53 27.63
CA LYS D 109 -17.85 -1.99 26.73
C LYS D 109 -16.98 -0.88 26.19
N VAL D 110 -15.71 -0.89 26.60
CA VAL D 110 -14.77 0.13 26.14
C VAL D 110 -13.44 -0.47 25.71
N VAL D 111 -12.82 0.19 24.74
CA VAL D 111 -11.52 -0.22 24.21
C VAL D 111 -10.57 0.91 24.57
N ALA D 112 -9.40 0.57 25.08
CA ALA D 112 -8.41 1.57 25.45
C ALA D 112 -7.22 1.44 24.52
N ARG D 113 -6.62 2.57 24.14
CA ARG D 113 -5.46 2.54 23.26
C ARG D 113 -4.36 3.46 23.76
N ALA D 114 -3.13 3.05 23.54
CA ALA D 114 -1.99 3.84 23.96
C ALA D 114 -0.95 3.81 22.85
N TYR D 115 -0.22 4.91 22.71
CA TYR D 115 0.79 4.98 21.67
C TYR D 115 2.12 5.45 22.25
N CYS D 116 3.14 4.65 22.01
CA CYS D 116 4.50 4.94 22.47
C CYS D 116 5.29 5.45 21.27
N ASN D 117 5.92 6.60 21.44
CA ASN D 117 6.70 7.19 20.36
C ASN D 117 7.71 6.22 19.77
N ILE D 118 8.15 5.24 20.57
CA ILE D 118 9.11 4.24 20.11
C ILE D 118 8.47 2.90 19.74
N HIS D 119 7.65 2.36 20.63
CA HIS D 119 7.04 1.05 20.39
C HIS D 119 5.64 0.96 19.79
N GLY D 120 5.15 2.06 19.23
CA GLY D 120 3.86 2.02 18.56
C GLY D 120 2.51 2.01 19.27
N HIS D 121 1.53 1.51 18.52
CA HIS D 121 0.13 1.44 18.90
C HIS D 121 -0.26 0.17 19.67
N TRP D 122 -0.94 0.35 20.80
CA TRP D 122 -1.37 -0.78 21.63
C TRP D 122 -2.80 -0.58 22.14
N LYS D 123 -3.46 -1.69 22.46
CA LYS D 123 -4.83 -1.61 22.95
C LYS D 123 -5.22 -2.78 23.86
N ALA D 124 -6.35 -2.63 24.52
CA ALA D 124 -6.90 -3.65 25.42
C ALA D 124 -8.39 -3.35 25.56
N GLU D 125 -9.14 -4.29 26.10
CA GLU D 125 -10.58 -4.10 26.29
C GLU D 125 -11.11 -4.82 27.52
N ASN D 126 -12.37 -4.56 27.86
CA ASN D 126 -13.00 -5.20 29.01
C ASN D 126 -14.22 -6.00 28.55
#